data_2HXO
#
_entry.id   2HXO
#
_cell.length_a   54.088
_cell.length_b   97.479
_cell.length_c   100.971
_cell.angle_alpha   90.00
_cell.angle_beta   90.00
_cell.angle_gamma   90.00
#
_symmetry.space_group_name_H-M   'P 21 21 21'
#
loop_
_entity.id
_entity.type
_entity.pdbx_description
1 polymer 'Putative TetR-family transcriptional regulator'
2 water water
#
_entity_poly.entity_id   1
_entity_poly.type   'polypeptide(L)'
_entity_poly.pdbx_seq_one_letter_code
;G(MSE)ASRSRRPERRQEPLSRERIVGAAVELLDTVGERGLTFRALAERLATGPGAIYWHITGKAELLGAATDAVVTAAV
TAGPTGAADSPQDAVRAVALGLWDATEAHPWLATQLATQLSRTPWGTVAPRIFESLGRQVQA(MSE)GVPEAHWFTASSA
L(MSE)HYILGAAGQNAANSASAGPVGADVDRDEFLDTVSTAWEGLDPDAYPFTRAVADQVRGHDDREQFLAGITLVLTG
ITALHRPGR
;
_entity_poly.pdbx_strand_id   A,B
#
# COMPACT_ATOMS: atom_id res chain seq x y z
N LEU A 16 -12.19 9.94 -33.85
CA LEU A 16 -12.12 10.13 -32.37
C LEU A 16 -12.04 8.76 -31.70
N SER A 17 -10.93 8.06 -31.95
CA SER A 17 -10.70 6.73 -31.43
C SER A 17 -10.64 6.56 -29.93
N ARG A 18 -10.70 5.30 -29.51
CA ARG A 18 -10.63 4.90 -28.11
C ARG A 18 -9.28 5.38 -27.58
N GLU A 19 -8.23 4.88 -28.21
CA GLU A 19 -6.85 5.21 -27.84
C GLU A 19 -6.66 6.70 -27.67
N ARG A 20 -7.27 7.49 -28.56
CA ARG A 20 -7.16 8.93 -28.52
C ARG A 20 -7.72 9.47 -27.21
N ILE A 21 -8.98 9.14 -26.95
CA ILE A 21 -9.63 9.60 -25.73
C ILE A 21 -8.77 9.24 -24.52
N VAL A 22 -8.42 7.96 -24.39
CA VAL A 22 -7.61 7.49 -23.27
C VAL A 22 -6.24 8.16 -23.23
N GLY A 23 -5.56 8.19 -24.38
CA GLY A 23 -4.25 8.82 -24.42
C GLY A 23 -4.30 10.25 -23.90
N ALA A 24 -5.36 10.98 -24.26
CA ALA A 24 -5.53 12.36 -23.83
C ALA A 24 -5.67 12.48 -22.32
N ALA A 25 -6.50 11.63 -21.74
CA ALA A 25 -6.71 11.65 -20.29
C ALA A 25 -5.41 11.33 -19.54
N VAL A 26 -4.64 10.39 -20.06
CA VAL A 26 -3.37 10.02 -19.45
C VAL A 26 -2.42 11.24 -19.43
N GLU A 27 -2.27 11.88 -20.58
CA GLU A 27 -1.40 13.06 -20.69
C GLU A 27 -1.82 14.09 -19.66
N LEU A 28 -3.13 14.32 -19.57
CA LEU A 28 -3.66 15.27 -18.61
C LEU A 28 -3.39 14.81 -17.19
N LEU A 29 -3.62 13.53 -16.93
CA LEU A 29 -3.40 12.99 -15.60
C LEU A 29 -1.94 13.15 -15.19
N ASP A 30 -1.04 13.04 -16.16
CA ASP A 30 0.39 13.17 -15.91
C ASP A 30 0.80 14.61 -15.61
N THR A 31 0.15 15.56 -16.27
CA THR A 31 0.46 16.98 -16.10
C THR A 31 -0.37 17.73 -15.06
N VAL A 32 -1.70 17.68 -15.19
CA VAL A 32 -2.57 18.37 -14.25
C VAL A 32 -3.21 17.50 -13.17
N GLY A 33 -3.03 16.18 -13.28
CA GLY A 33 -3.59 15.28 -12.28
C GLY A 33 -5.06 14.96 -12.45
N GLU A 34 -5.63 14.30 -11.44
CA GLU A 34 -7.03 13.92 -11.48
C GLU A 34 -7.91 15.15 -11.57
N ARG A 35 -7.79 16.03 -10.58
CA ARG A 35 -8.57 17.27 -10.55
C ARG A 35 -8.45 18.03 -11.87
N GLY A 36 -7.28 17.92 -12.52
CA GLY A 36 -7.07 18.60 -13.78
C GLY A 36 -7.72 17.91 -14.95
N LEU A 37 -8.28 16.71 -14.72
CA LEU A 37 -8.95 15.97 -15.78
C LEU A 37 -10.41 16.42 -15.83
N THR A 38 -10.68 17.35 -16.73
CA THR A 38 -12.02 17.91 -16.90
C THR A 38 -12.55 17.78 -18.33
N PHE A 39 -13.84 18.00 -18.48
CA PHE A 39 -14.53 17.93 -19.77
C PHE A 39 -13.87 18.87 -20.76
N ARG A 40 -13.71 20.13 -20.37
CA ARG A 40 -13.10 21.14 -21.23
C ARG A 40 -11.66 20.78 -21.58
N ALA A 41 -10.88 20.41 -20.58
CA ALA A 41 -9.48 20.02 -20.79
C ALA A 41 -9.41 18.90 -21.82
N LEU A 42 -10.19 17.85 -21.62
CA LEU A 42 -10.20 16.70 -22.52
C LEU A 42 -10.64 17.14 -23.92
N ALA A 43 -11.76 17.86 -23.98
CA ALA A 43 -12.29 18.35 -25.24
C ALA A 43 -11.26 19.19 -25.99
N GLU A 44 -10.64 20.13 -25.28
CA GLU A 44 -9.64 20.99 -25.91
C GLU A 44 -8.44 20.20 -26.44
N ARG A 45 -7.84 19.37 -25.58
CA ARG A 45 -6.69 18.58 -26.01
C ARG A 45 -7.05 17.64 -27.14
N LEU A 46 -8.33 17.29 -27.23
CA LEU A 46 -8.80 16.38 -28.27
C LEU A 46 -9.17 17.16 -29.54
N ALA A 47 -9.29 18.48 -29.39
CA ALA A 47 -9.63 19.35 -30.51
C ALA A 47 -10.90 18.87 -31.22
N THR A 48 -11.93 18.56 -30.43
CA THR A 48 -13.18 18.08 -30.98
C THR A 48 -14.36 18.79 -30.33
N GLY A 49 -15.49 18.79 -31.02
CA GLY A 49 -16.68 19.44 -30.52
C GLY A 49 -17.25 18.76 -29.29
N PRO A 50 -17.40 19.52 -28.19
CA PRO A 50 -17.93 19.02 -26.91
C PRO A 50 -19.37 18.51 -27.01
N GLY A 51 -20.09 18.94 -28.04
CA GLY A 51 -21.47 18.52 -28.21
C GLY A 51 -21.63 17.18 -28.91
N ALA A 52 -20.52 16.49 -29.15
CA ALA A 52 -20.57 15.20 -29.81
C ALA A 52 -19.59 14.20 -29.20
N ILE A 53 -19.00 14.55 -28.07
CA ILE A 53 -18.05 13.64 -27.42
C ILE A 53 -18.73 12.63 -26.51
N TYR A 54 -20.04 12.76 -26.34
CA TYR A 54 -20.79 11.81 -25.51
C TYR A 54 -20.85 10.46 -26.21
N TRP A 55 -20.53 10.44 -27.50
CA TRP A 55 -20.53 9.21 -28.27
C TRP A 55 -19.34 8.32 -27.91
N HIS A 56 -18.27 8.94 -27.39
CA HIS A 56 -17.08 8.18 -27.04
C HIS A 56 -16.69 8.21 -25.56
N ILE A 57 -17.52 8.82 -24.73
CA ILE A 57 -17.24 8.87 -23.30
C ILE A 57 -18.51 8.60 -22.52
N THR A 58 -18.38 8.42 -21.21
CA THR A 58 -19.52 8.21 -20.33
C THR A 58 -19.35 9.13 -19.13
N GLY A 59 -18.64 8.65 -18.12
CA GLY A 59 -18.40 9.44 -16.92
C GLY A 59 -16.91 9.54 -16.61
N LYS A 60 -16.55 10.37 -15.64
CA LYS A 60 -15.14 10.54 -15.29
C LYS A 60 -14.60 9.27 -14.65
N ALA A 61 -15.39 8.66 -13.78
CA ALA A 61 -14.99 7.44 -13.09
C ALA A 61 -14.58 6.35 -14.08
N GLU A 62 -15.36 6.21 -15.14
CA GLU A 62 -15.09 5.21 -16.18
C GLU A 62 -13.85 5.57 -17.00
N LEU A 63 -13.62 6.87 -17.21
CA LEU A 63 -12.47 7.32 -17.97
C LEU A 63 -11.18 7.07 -17.18
N LEU A 64 -11.22 7.31 -15.88
CA LEU A 64 -10.07 7.07 -15.01
C LEU A 64 -9.73 5.58 -15.07
N GLY A 65 -10.77 4.74 -15.06
CA GLY A 65 -10.56 3.30 -15.12
C GLY A 65 -9.92 2.86 -16.42
N ALA A 66 -10.37 3.45 -17.52
CA ALA A 66 -9.83 3.10 -18.84
C ALA A 66 -8.38 3.56 -18.95
N ALA A 67 -8.06 4.67 -18.31
CA ALA A 67 -6.71 5.23 -18.34
C ALA A 67 -5.78 4.34 -17.51
N THR A 68 -6.25 3.95 -16.33
CA THR A 68 -5.49 3.08 -15.45
C THR A 68 -5.22 1.75 -16.16
N ASP A 69 -6.26 1.20 -16.77
CA ASP A 69 -6.19 -0.08 -17.48
C ASP A 69 -5.21 -0.03 -18.65
N ALA A 70 -5.27 1.03 -19.44
CA ALA A 70 -4.39 1.17 -20.60
C ALA A 70 -2.92 1.23 -20.18
N VAL A 71 -2.63 2.02 -19.17
CA VAL A 71 -1.27 2.15 -18.67
C VAL A 71 -0.74 0.84 -18.09
N VAL A 72 -1.57 0.16 -17.30
CA VAL A 72 -1.19 -1.09 -16.68
C VAL A 72 -0.93 -2.17 -17.73
N THR A 73 -1.87 -2.34 -18.66
CA THR A 73 -1.74 -3.33 -19.72
C THR A 73 -0.47 -3.11 -20.51
N ALA A 74 -0.19 -1.87 -20.86
CA ALA A 74 0.98 -1.55 -21.66
C ALA A 74 2.27 -1.85 -20.91
N ALA A 75 2.32 -1.50 -19.63
CA ALA A 75 3.51 -1.72 -18.83
C ALA A 75 3.80 -3.19 -18.56
N VAL A 76 2.77 -3.91 -18.12
CA VAL A 76 2.90 -5.32 -17.80
C VAL A 76 3.28 -6.21 -18.97
N THR A 77 2.77 -5.90 -20.15
CA THR A 77 3.07 -6.71 -21.33
C THR A 77 4.19 -6.12 -22.16
N ALA A 78 4.75 -5.01 -21.67
CA ALA A 78 5.83 -4.29 -22.35
C ALA A 78 7.08 -5.12 -22.64
N GLY A 79 8.05 -5.04 -21.74
CA GLY A 79 9.30 -5.77 -21.91
C GLY A 79 9.14 -7.17 -22.44
N PRO A 80 10.22 -7.76 -23.02
CA PRO A 80 10.14 -9.12 -23.55
C PRO A 80 10.28 -10.14 -22.42
N THR A 81 9.84 -11.36 -22.65
CA THR A 81 9.98 -12.38 -21.63
C THR A 81 11.39 -12.98 -21.76
N GLY A 82 11.92 -13.49 -20.65
CA GLY A 82 13.24 -14.08 -20.64
C GLY A 82 13.25 -15.51 -21.12
N ALA A 83 14.35 -15.91 -21.79
CA ALA A 83 14.50 -17.26 -22.31
C ALA A 83 14.44 -18.36 -21.24
N ALA A 84 14.76 -18.05 -19.98
CA ALA A 84 14.70 -19.03 -18.89
C ALA A 84 13.62 -18.65 -17.87
N ASP A 85 12.58 -17.95 -18.31
CA ASP A 85 11.55 -17.52 -17.37
C ASP A 85 10.74 -18.64 -16.75
N SER A 86 10.70 -18.56 -15.43
CA SER A 86 9.97 -19.46 -14.56
C SER A 86 8.73 -18.68 -14.08
N PRO A 87 7.85 -19.33 -13.32
CA PRO A 87 6.66 -18.63 -12.83
C PRO A 87 7.05 -17.46 -11.95
N GLN A 88 8.11 -17.65 -11.17
CA GLN A 88 8.60 -16.62 -10.27
C GLN A 88 9.09 -15.38 -11.02
N ASP A 89 9.78 -15.59 -12.14
CA ASP A 89 10.29 -14.50 -12.97
C ASP A 89 9.11 -13.75 -13.55
N ALA A 90 8.11 -14.51 -14.03
CA ALA A 90 6.94 -13.91 -14.63
C ALA A 90 6.24 -13.01 -13.60
N VAL A 91 6.14 -13.47 -12.36
CA VAL A 91 5.51 -12.66 -11.34
C VAL A 91 6.33 -11.37 -11.14
N ARG A 92 7.65 -11.50 -11.15
CA ARG A 92 8.51 -10.32 -11.02
C ARG A 92 8.31 -9.34 -12.16
N ALA A 93 8.12 -9.85 -13.38
CA ALA A 93 7.91 -8.99 -14.53
C ALA A 93 6.59 -8.25 -14.34
N VAL A 94 5.57 -8.94 -13.84
CA VAL A 94 4.30 -8.29 -13.61
C VAL A 94 4.47 -7.18 -12.57
N ALA A 95 5.14 -7.49 -11.47
CA ALA A 95 5.37 -6.53 -10.39
C ALA A 95 6.21 -5.33 -10.82
N LEU A 96 7.27 -5.56 -11.58
CA LEU A 96 8.11 -4.46 -12.06
C LEU A 96 7.33 -3.60 -13.04
N GLY A 97 6.49 -4.23 -13.85
CA GLY A 97 5.67 -3.49 -14.80
C GLY A 97 4.81 -2.53 -13.97
N LEU A 98 4.21 -3.02 -12.89
CA LEU A 98 3.38 -2.17 -12.06
C LEU A 98 4.22 -1.10 -11.35
N TRP A 99 5.36 -1.51 -10.80
CA TRP A 99 6.24 -0.58 -10.11
C TRP A 99 6.69 0.56 -11.03
N ASP A 100 7.18 0.22 -12.21
CA ASP A 100 7.63 1.22 -13.16
C ASP A 100 6.49 2.11 -13.65
N ALA A 101 5.32 1.51 -13.84
CA ALA A 101 4.17 2.29 -14.30
C ALA A 101 3.75 3.33 -13.25
N THR A 102 3.67 2.94 -11.98
CA THR A 102 3.26 3.89 -10.95
C THR A 102 4.34 4.95 -10.72
N GLU A 103 5.52 4.67 -11.25
CA GLU A 103 6.66 5.57 -11.13
C GLU A 103 6.59 6.59 -12.26
N ALA A 104 6.15 6.14 -13.43
CA ALA A 104 6.01 7.03 -14.58
C ALA A 104 4.71 7.83 -14.50
N HIS A 105 3.73 7.27 -13.79
CA HIS A 105 2.43 7.92 -13.64
C HIS A 105 2.02 7.92 -12.16
N PRO A 106 2.40 8.97 -11.42
CA PRO A 106 2.10 9.12 -9.99
C PRO A 106 0.65 8.89 -9.60
N TRP A 107 -0.26 9.38 -10.44
CA TRP A 107 -1.69 9.22 -10.19
C TRP A 107 -2.13 7.74 -10.19
N LEU A 108 -1.37 6.88 -10.86
CA LEU A 108 -1.72 5.47 -10.96
C LEU A 108 -1.97 4.75 -9.64
N ALA A 109 -1.10 4.97 -8.66
CA ALA A 109 -1.24 4.31 -7.36
C ALA A 109 -2.58 4.56 -6.70
N THR A 110 -3.06 5.80 -6.77
CA THR A 110 -4.33 6.17 -6.17
C THR A 110 -5.49 5.50 -6.91
N GLN A 111 -5.41 5.44 -8.23
CA GLN A 111 -6.47 4.85 -9.03
C GLN A 111 -6.60 3.35 -8.78
N LEU A 112 -5.48 2.68 -8.51
CA LEU A 112 -5.51 1.25 -8.25
C LEU A 112 -6.21 0.95 -6.93
N ALA A 113 -5.99 1.81 -5.93
CA ALA A 113 -6.64 1.64 -4.64
C ALA A 113 -8.15 1.80 -4.78
N THR A 114 -8.56 2.80 -5.55
CA THR A 114 -9.97 3.07 -5.78
C THR A 114 -10.55 1.97 -6.66
N GLN A 115 -9.72 1.43 -7.54
CA GLN A 115 -10.14 0.38 -8.45
C GLN A 115 -10.48 -0.89 -7.67
N LEU A 116 -9.71 -1.16 -6.62
CA LEU A 116 -9.92 -2.36 -5.81
C LEU A 116 -10.84 -2.13 -4.62
N SER A 117 -11.29 -0.90 -4.42
CA SER A 117 -12.15 -0.59 -3.29
C SER A 117 -13.58 -0.24 -3.65
N ARG A 118 -13.78 0.43 -4.79
CA ARG A 118 -15.12 0.83 -5.17
C ARG A 118 -15.50 0.52 -6.61
N THR A 119 -14.64 -0.20 -7.32
CA THR A 119 -14.92 -0.53 -8.72
C THR A 119 -15.09 -2.03 -8.96
N PRO A 120 -16.23 -2.58 -8.49
CA PRO A 120 -16.53 -4.01 -8.66
C PRO A 120 -16.39 -4.53 -10.09
N TRP A 121 -16.79 -3.70 -11.05
CA TRP A 121 -16.72 -4.09 -12.45
C TRP A 121 -15.45 -3.67 -13.17
N GLY A 122 -14.48 -3.18 -12.39
CA GLY A 122 -13.22 -2.73 -12.98
C GLY A 122 -12.53 -3.83 -13.76
N THR A 123 -11.81 -3.44 -14.81
CA THR A 123 -11.13 -4.41 -15.63
C THR A 123 -9.66 -4.61 -15.29
N VAL A 124 -9.06 -3.67 -14.55
CA VAL A 124 -7.66 -3.80 -14.23
C VAL A 124 -7.39 -4.88 -13.19
N ALA A 125 -8.23 -4.91 -12.15
CA ALA A 125 -8.05 -5.88 -11.08
C ALA A 125 -8.01 -7.32 -11.60
N PRO A 126 -9.09 -7.78 -12.27
CA PRO A 126 -9.10 -9.15 -12.79
C PRO A 126 -7.95 -9.50 -13.73
N ARG A 127 -7.47 -8.51 -14.47
CA ARG A 127 -6.34 -8.77 -15.38
C ARG A 127 -5.02 -8.99 -14.62
N ILE A 128 -4.82 -8.24 -13.55
CA ILE A 128 -3.62 -8.39 -12.73
C ILE A 128 -3.73 -9.73 -12.04
N PHE A 129 -4.91 -9.99 -11.50
CA PHE A 129 -5.14 -11.25 -10.82
C PHE A 129 -4.97 -12.45 -11.72
N GLU A 130 -5.37 -12.33 -12.98
CA GLU A 130 -5.23 -13.44 -13.91
C GLU A 130 -3.73 -13.67 -14.16
N SER A 131 -2.99 -12.58 -14.33
CA SER A 131 -1.55 -12.65 -14.57
C SER A 131 -0.81 -13.34 -13.42
N LEU A 132 -1.10 -12.92 -12.20
CA LEU A 132 -0.46 -13.51 -11.03
C LEU A 132 -0.94 -14.95 -10.79
N GLY A 133 -2.25 -15.15 -10.85
CA GLY A 133 -2.82 -16.46 -10.61
C GLY A 133 -2.27 -17.63 -11.42
N ARG A 134 -2.13 -17.44 -12.73
CA ARG A 134 -1.60 -18.47 -13.60
C ARG A 134 -0.22 -18.93 -13.15
N GLN A 135 0.58 -17.99 -12.64
CA GLN A 135 1.91 -18.31 -12.17
C GLN A 135 1.83 -19.08 -10.85
N VAL A 136 0.87 -18.72 -10.00
CA VAL A 136 0.67 -19.39 -8.74
C VAL A 136 0.28 -20.84 -9.01
N GLN A 137 -0.59 -21.05 -9.98
CA GLN A 137 -0.98 -22.42 -10.34
C GLN A 137 0.24 -23.16 -10.89
N ALA A 138 1.03 -22.51 -11.73
CA ALA A 138 2.21 -23.16 -12.31
C ALA A 138 3.19 -23.54 -11.19
N GLY A 140 2.46 -24.93 -8.52
CA GLY A 140 1.97 -26.09 -7.78
C GLY A 140 1.24 -25.76 -6.49
N VAL A 141 0.70 -24.57 -6.38
CA VAL A 141 -0.04 -24.17 -5.20
C VAL A 141 -1.42 -24.84 -5.17
N PRO A 142 -1.76 -25.53 -4.07
CA PRO A 142 -3.07 -26.17 -3.99
C PRO A 142 -4.16 -25.16 -4.31
N GLU A 143 -5.21 -25.62 -4.98
CA GLU A 143 -6.31 -24.74 -5.36
C GLU A 143 -6.91 -23.95 -4.19
N ALA A 144 -6.89 -24.50 -2.98
CA ALA A 144 -7.45 -23.82 -1.82
C ALA A 144 -6.68 -22.54 -1.47
N HIS A 145 -5.47 -22.38 -2.03
CA HIS A 145 -4.69 -21.19 -1.74
C HIS A 145 -4.46 -20.27 -2.92
N TRP A 146 -5.08 -20.57 -4.06
CA TRP A 146 -4.88 -19.75 -5.26
C TRP A 146 -5.20 -18.28 -5.04
N PHE A 147 -6.33 -18.00 -4.38
CA PHE A 147 -6.71 -16.62 -4.14
C PHE A 147 -5.85 -15.97 -3.06
N THR A 148 -5.57 -16.74 -2.02
CA THR A 148 -4.76 -16.24 -0.93
C THR A 148 -3.37 -15.82 -1.44
N ALA A 149 -2.72 -16.73 -2.15
CA ALA A 149 -1.39 -16.46 -2.69
C ALA A 149 -1.41 -15.26 -3.64
N SER A 150 -2.40 -15.23 -4.53
CA SER A 150 -2.50 -14.15 -5.49
C SER A 150 -2.76 -12.79 -4.85
N SER A 151 -3.65 -12.77 -3.86
CA SER A 151 -3.99 -11.54 -3.15
C SER A 151 -2.82 -11.02 -2.36
N ALA A 152 -2.02 -11.93 -1.80
CA ALA A 152 -0.86 -11.52 -1.03
C ALA A 152 0.14 -10.82 -1.95
N LEU A 153 0.40 -11.40 -3.11
CA LEU A 153 1.33 -10.77 -4.06
C LEU A 153 0.80 -9.37 -4.38
N HIS A 155 -1.33 -7.35 -2.68
CA HIS A 155 -1.23 -6.42 -1.57
C HIS A 155 0.21 -5.98 -1.37
N TYR A 156 1.15 -6.90 -1.54
CA TYR A 156 2.54 -6.53 -1.38
C TYR A 156 2.92 -5.50 -2.44
N ILE A 157 2.55 -5.78 -3.69
CA ILE A 157 2.87 -4.85 -4.76
C ILE A 157 2.31 -3.44 -4.53
N LEU A 158 1.03 -3.36 -4.15
CA LEU A 158 0.38 -2.08 -3.88
C LEU A 158 1.06 -1.32 -2.75
N GLY A 159 1.52 -2.05 -1.75
CA GLY A 159 2.16 -1.43 -0.61
C GLY A 159 3.54 -0.86 -0.90
N ALA A 160 4.37 -1.62 -1.60
CA ALA A 160 5.70 -1.14 -1.93
C ALA A 160 5.61 -0.09 -3.04
N ALA A 161 4.89 -0.41 -4.11
CA ALA A 161 4.74 0.54 -5.22
C ALA A 161 4.01 1.80 -4.75
N GLY A 162 3.03 1.63 -3.88
CA GLY A 162 2.28 2.77 -3.38
C GLY A 162 3.19 3.73 -2.63
N GLN A 163 4.05 3.18 -1.78
CA GLN A 163 4.98 3.99 -1.01
C GLN A 163 5.99 4.63 -1.96
N ASN A 164 6.40 3.88 -2.98
CA ASN A 164 7.35 4.39 -3.96
C ASN A 164 6.78 5.63 -4.66
N ALA A 165 5.50 5.57 -5.03
CA ALA A 165 4.84 6.69 -5.68
C ALA A 165 4.90 7.94 -4.79
N ALA A 166 4.70 7.73 -3.49
CA ALA A 166 4.75 8.83 -2.52
C ALA A 166 6.15 9.44 -2.48
N ASN A 167 7.17 8.59 -2.38
CA ASN A 167 8.55 9.05 -2.36
C ASN A 167 9.49 8.06 -3.06
N ASP A 181 16.79 10.02 -2.99
CA ASP A 181 18.25 9.99 -2.74
C ASP A 181 18.62 10.96 -1.62
N GLU A 182 17.97 12.11 -1.62
CA GLU A 182 18.20 13.14 -0.61
C GLU A 182 17.49 12.78 0.69
N PHE A 183 16.32 12.14 0.55
CA PHE A 183 15.51 11.72 1.68
C PHE A 183 16.21 10.60 2.46
N LEU A 184 16.73 9.62 1.74
CA LEU A 184 17.40 8.48 2.35
C LEU A 184 18.57 8.87 3.26
N ASP A 185 19.42 9.77 2.77
CA ASP A 185 20.57 10.21 3.55
C ASP A 185 20.14 10.89 4.84
N THR A 186 19.12 11.75 4.75
CA THR A 186 18.60 12.46 5.91
C THR A 186 18.09 11.47 6.96
N VAL A 187 17.40 10.44 6.49
CA VAL A 187 16.85 9.39 7.34
C VAL A 187 17.99 8.64 8.03
N SER A 188 18.97 8.23 7.23
CA SER A 188 20.11 7.49 7.73
C SER A 188 20.80 8.20 8.91
N THR A 189 21.11 9.48 8.74
CA THR A 189 21.76 10.20 9.82
C THR A 189 20.81 10.43 10.98
N ALA A 190 19.57 10.80 10.68
CA ALA A 190 18.58 11.03 11.73
C ALA A 190 18.44 9.81 12.62
N TRP A 191 18.39 8.61 12.01
CA TRP A 191 18.26 7.36 12.75
C TRP A 191 19.51 7.09 13.57
N GLU A 192 20.67 7.43 13.00
CA GLU A 192 21.95 7.23 13.68
C GLU A 192 22.03 8.10 14.94
N GLY A 193 21.00 8.91 15.16
CA GLY A 193 20.95 9.76 16.34
C GLY A 193 20.09 9.13 17.43
N LEU A 194 19.40 8.05 17.08
CA LEU A 194 18.56 7.36 18.05
C LEU A 194 19.43 6.73 19.12
N ASP A 195 18.92 6.62 20.33
CA ASP A 195 19.68 6.04 21.42
C ASP A 195 20.03 4.59 21.08
N PRO A 196 21.33 4.23 21.19
CA PRO A 196 21.83 2.88 20.88
C PRO A 196 21.29 1.77 21.79
N ASP A 197 20.93 2.12 23.01
CA ASP A 197 20.40 1.14 23.94
C ASP A 197 18.91 0.91 23.74
N ALA A 198 18.20 1.94 23.28
CA ALA A 198 16.77 1.86 23.05
C ALA A 198 16.46 1.32 21.66
N TYR A 199 17.31 1.66 20.69
CA TYR A 199 17.11 1.19 19.33
C TYR A 199 18.28 0.38 18.81
N PRO A 200 18.61 -0.74 19.49
CA PRO A 200 19.73 -1.60 19.04
C PRO A 200 19.66 -2.05 17.59
N PHE A 201 18.48 -2.46 17.15
CA PHE A 201 18.31 -2.93 15.77
C PHE A 201 18.45 -1.80 14.75
N THR A 202 17.63 -0.77 14.92
CA THR A 202 17.63 0.37 14.02
C THR A 202 19.02 0.97 13.91
N ARG A 203 19.73 1.03 15.03
CA ARG A 203 21.08 1.57 15.04
C ARG A 203 22.05 0.66 14.27
N ALA A 204 21.82 -0.65 14.38
CA ALA A 204 22.66 -1.63 13.69
C ALA A 204 22.54 -1.56 12.17
N VAL A 205 21.37 -1.14 11.68
CA VAL A 205 21.12 -1.07 10.24
C VAL A 205 21.06 0.36 9.72
N ALA A 206 21.01 1.32 10.64
CA ALA A 206 20.92 2.73 10.29
C ALA A 206 21.63 3.15 9.00
N ASP A 207 22.93 2.88 8.92
CA ASP A 207 23.73 3.25 7.76
C ASP A 207 23.23 2.66 6.45
N GLN A 208 22.69 1.45 6.51
CA GLN A 208 22.17 0.78 5.31
C GLN A 208 21.05 1.54 4.64
N VAL A 209 20.47 2.52 5.35
CA VAL A 209 19.39 3.32 4.77
C VAL A 209 19.92 4.11 3.58
N ARG A 210 21.11 4.69 3.77
CA ARG A 210 21.78 5.49 2.75
C ARG A 210 22.21 4.61 1.59
N GLY A 211 21.79 4.95 0.38
CA GLY A 211 22.15 4.16 -0.78
C GLY A 211 21.27 2.95 -0.96
N HIS A 212 20.21 2.88 -0.17
CA HIS A 212 19.27 1.78 -0.25
C HIS A 212 18.45 1.97 -1.51
N ASP A 213 18.53 1.00 -2.43
CA ASP A 213 17.77 1.09 -3.68
C ASP A 213 16.36 0.56 -3.48
N ASP A 214 15.38 1.41 -3.77
CA ASP A 214 13.98 1.05 -3.63
C ASP A 214 13.59 -0.10 -4.55
N ARG A 215 13.96 0.02 -5.82
CA ARG A 215 13.64 -0.99 -6.83
C ARG A 215 14.12 -2.38 -6.44
N GLU A 216 15.35 -2.48 -5.96
CA GLU A 216 15.89 -3.77 -5.55
C GLU A 216 15.16 -4.27 -4.31
N GLN A 217 14.80 -3.34 -3.43
CA GLN A 217 14.08 -3.71 -2.23
C GLN A 217 12.77 -4.36 -2.69
N PHE A 218 12.10 -3.67 -3.60
CA PHE A 218 10.84 -4.13 -4.17
C PHE A 218 10.93 -5.57 -4.65
N LEU A 219 11.92 -5.86 -5.51
CA LEU A 219 12.12 -7.20 -6.04
C LEU A 219 12.49 -8.24 -4.99
N ALA A 220 13.20 -7.82 -3.96
CA ALA A 220 13.59 -8.73 -2.88
C ALA A 220 12.36 -9.10 -2.07
N GLY A 221 11.51 -8.11 -1.81
CA GLY A 221 10.29 -8.37 -1.05
C GLY A 221 9.36 -9.33 -1.79
N ILE A 222 9.19 -9.11 -3.08
CA ILE A 222 8.32 -9.95 -3.89
C ILE A 222 8.90 -11.38 -3.88
N THR A 223 10.23 -11.48 -3.98
CA THR A 223 10.90 -12.79 -3.97
C THR A 223 10.66 -13.51 -2.63
N LEU A 224 10.66 -12.73 -1.55
CA LEU A 224 10.40 -13.25 -0.21
C LEU A 224 8.97 -13.82 -0.15
N VAL A 225 8.02 -13.10 -0.72
CA VAL A 225 6.64 -13.59 -0.74
C VAL A 225 6.56 -14.86 -1.61
N LEU A 226 7.20 -14.81 -2.78
CA LEU A 226 7.20 -15.97 -3.69
C LEU A 226 7.81 -17.20 -3.03
N THR A 227 8.82 -17.02 -2.19
CA THR A 227 9.43 -18.15 -1.49
C THR A 227 8.41 -18.75 -0.51
N GLY A 228 7.64 -17.88 0.14
CA GLY A 228 6.63 -18.38 1.06
C GLY A 228 5.56 -19.11 0.28
N ILE A 229 5.20 -18.58 -0.88
CA ILE A 229 4.18 -19.18 -1.70
C ILE A 229 4.64 -20.53 -2.23
N THR A 230 5.91 -20.63 -2.62
CA THR A 230 6.42 -21.91 -3.13
C THR A 230 6.34 -23.01 -2.08
N ALA A 231 6.37 -22.67 -0.80
CA ALA A 231 6.28 -23.67 0.27
C ALA A 231 4.83 -24.21 0.44
N LEU A 232 3.89 -23.65 -0.32
CA LEU A 232 2.49 -24.09 -0.26
C LEU A 232 2.33 -25.39 -1.07
N HIS A 233 3.29 -25.68 -1.93
CA HIS A 233 3.22 -26.90 -2.71
C HIS A 233 3.73 -28.06 -1.85
N ARG A 234 2.98 -29.15 -1.83
CA ARG A 234 3.37 -30.32 -1.06
C ARG A 234 3.61 -31.53 -1.99
N PRO A 235 4.69 -32.27 -1.75
CA PRO A 235 5.02 -33.44 -2.56
C PRO A 235 3.93 -34.53 -2.52
N PRO B 15 -5.30 21.36 33.24
CA PRO B 15 -4.56 22.24 32.30
C PRO B 15 -4.11 21.51 31.04
N LEU B 16 -3.52 22.25 30.11
CA LEU B 16 -3.04 21.71 28.84
C LEU B 16 -1.84 20.77 29.00
N SER B 17 -2.03 19.50 28.63
CA SER B 17 -0.97 18.51 28.73
C SER B 17 -0.68 17.93 27.35
N ARG B 18 0.25 16.99 27.29
CA ARG B 18 0.62 16.37 26.03
C ARG B 18 -0.54 15.53 25.54
N GLU B 19 -0.88 14.51 26.32
CA GLU B 19 -1.97 13.59 26.00
C GLU B 19 -3.23 14.33 25.59
N ARG B 20 -3.52 15.42 26.28
CA ARG B 20 -4.72 16.20 25.97
C ARG B 20 -4.67 16.76 24.56
N ILE B 21 -3.60 17.48 24.26
CA ILE B 21 -3.44 18.05 22.93
C ILE B 21 -3.60 16.96 21.87
N VAL B 22 -2.80 15.90 22.01
CA VAL B 22 -2.85 14.81 21.05
C VAL B 22 -4.23 14.14 21.00
N GLY B 23 -4.78 13.83 22.17
CA GLY B 23 -6.10 13.20 22.22
C GLY B 23 -7.13 14.02 21.45
N ALA B 24 -7.05 15.34 21.60
CA ALA B 24 -7.98 16.23 20.92
C ALA B 24 -7.85 16.15 19.40
N ALA B 25 -6.61 16.18 18.91
CA ALA B 25 -6.37 16.13 17.47
C ALA B 25 -6.88 14.80 16.90
N VAL B 26 -6.68 13.72 17.64
CA VAL B 26 -7.13 12.39 17.22
C VAL B 26 -8.66 12.39 17.05
N GLU B 27 -9.36 12.87 18.07
CA GLU B 27 -10.82 12.95 18.04
C GLU B 27 -11.27 13.73 16.82
N LEU B 28 -10.60 14.86 16.56
CA LEU B 28 -10.93 15.69 15.42
C LEU B 28 -10.61 14.96 14.13
N LEU B 29 -9.46 14.30 14.06
CA LEU B 29 -9.07 13.57 12.87
C LEU B 29 -10.09 12.48 12.57
N ASP B 30 -10.64 11.89 13.62
CA ASP B 30 -11.63 10.82 13.46
C ASP B 30 -12.97 11.32 12.94
N THR B 31 -13.35 12.53 13.37
CA THR B 31 -14.63 13.10 12.97
C THR B 31 -14.58 14.03 11.76
N VAL B 32 -13.71 15.03 11.80
CA VAL B 32 -13.63 15.98 10.69
C VAL B 32 -12.46 15.76 9.73
N GLY B 33 -11.57 14.83 10.07
CA GLY B 33 -10.43 14.54 9.21
C GLY B 33 -9.26 15.51 9.31
N GLU B 34 -8.31 15.37 8.40
CA GLU B 34 -7.14 16.23 8.39
C GLU B 34 -7.55 17.69 8.20
N ARG B 35 -8.22 17.97 7.08
CA ARG B 35 -8.68 19.31 6.78
C ARG B 35 -9.47 19.92 7.95
N GLY B 36 -10.15 19.06 8.69
CA GLY B 36 -10.93 19.55 9.83
C GLY B 36 -10.09 19.83 11.05
N LEU B 37 -8.81 19.47 10.98
CA LEU B 37 -7.90 19.71 12.11
C LEU B 37 -7.33 21.13 11.96
N THR B 38 -7.96 22.07 12.66
CA THR B 38 -7.56 23.47 12.61
C THR B 38 -7.25 24.03 13.99
N PHE B 39 -6.63 25.21 14.00
CA PHE B 39 -6.27 25.89 15.24
C PHE B 39 -7.51 26.14 16.10
N ARG B 40 -8.54 26.71 15.50
CA ARG B 40 -9.78 27.00 16.22
C ARG B 40 -10.44 25.73 16.74
N ALA B 41 -10.54 24.72 15.88
CA ALA B 41 -11.14 23.46 16.26
C ALA B 41 -10.42 22.89 17.48
N LEU B 42 -9.09 22.82 17.39
CA LEU B 42 -8.28 22.29 18.48
C LEU B 42 -8.46 23.14 19.74
N ALA B 43 -8.35 24.45 19.59
CA ALA B 43 -8.49 25.37 20.71
C ALA B 43 -9.85 25.23 21.37
N GLU B 44 -10.90 25.17 20.57
CA GLU B 44 -12.24 25.04 21.12
C GLU B 44 -12.44 23.73 21.86
N ARG B 45 -12.09 22.61 21.21
CA ARG B 45 -12.25 21.32 21.85
C ARG B 45 -11.39 21.21 23.11
N LEU B 46 -10.33 22.00 23.16
CA LEU B 46 -9.42 21.99 24.31
C LEU B 46 -9.90 22.96 25.38
N ALA B 47 -10.83 23.83 25.00
CA ALA B 47 -11.39 24.83 25.92
C ALA B 47 -10.29 25.63 26.59
N THR B 48 -9.32 26.10 25.80
CA THR B 48 -8.21 26.88 26.33
C THR B 48 -7.98 28.12 25.47
N GLY B 49 -7.32 29.11 26.07
CA GLY B 49 -7.03 30.34 25.36
C GLY B 49 -6.05 30.16 24.22
N PRO B 50 -6.44 30.55 23.00
CA PRO B 50 -5.60 30.44 21.80
C PRO B 50 -4.31 31.26 21.86
N GLY B 51 -4.28 32.24 22.74
CA GLY B 51 -3.10 33.09 22.87
C GLY B 51 -2.04 32.51 23.79
N ALA B 52 -2.22 31.27 24.22
CA ALA B 52 -1.25 30.64 25.11
C ALA B 52 -1.04 29.16 24.77
N ILE B 53 -1.57 28.74 23.63
CA ILE B 53 -1.43 27.33 23.21
C ILE B 53 -0.12 27.10 22.46
N TYR B 54 0.61 28.16 22.18
CA TYR B 54 1.88 28.02 21.48
C TYR B 54 2.92 27.35 22.39
N TRP B 55 2.61 27.32 23.68
CA TRP B 55 3.49 26.69 24.65
C TRP B 55 3.46 25.17 24.54
N HIS B 56 2.36 24.63 24.00
CA HIS B 56 2.22 23.19 23.88
C HIS B 56 2.08 22.65 22.46
N ILE B 57 2.21 23.52 21.48
CA ILE B 57 2.11 23.09 20.08
C ILE B 57 3.19 23.78 19.28
N THR B 58 3.36 23.36 18.03
CA THR B 58 4.33 23.95 17.12
C THR B 58 3.62 24.17 15.79
N GLY B 59 3.64 23.15 14.93
CA GLY B 59 2.98 23.24 13.64
C GLY B 59 2.00 22.09 13.44
N LYS B 60 1.22 22.15 12.36
CA LYS B 60 0.24 21.11 12.10
C LYS B 60 0.93 19.81 11.74
N ALA B 61 1.98 19.90 10.92
CA ALA B 61 2.73 18.73 10.49
C ALA B 61 3.22 17.93 11.69
N GLU B 62 3.72 18.62 12.71
CA GLU B 62 4.23 17.97 13.90
C GLU B 62 3.10 17.38 14.76
N LEU B 63 1.94 18.02 14.75
CA LEU B 63 0.81 17.53 15.52
C LEU B 63 0.28 16.24 14.88
N LEU B 64 0.24 16.21 13.55
CA LEU B 64 -0.23 15.03 12.83
C LEU B 64 0.70 13.87 13.17
N GLY B 65 2.00 14.15 13.22
CA GLY B 65 2.97 13.13 13.55
C GLY B 65 2.78 12.59 14.96
N ALA B 66 2.52 13.48 15.90
CA ALA B 66 2.34 13.08 17.29
C ALA B 66 1.07 12.25 17.45
N ALA B 67 0.05 12.58 16.66
CA ALA B 67 -1.22 11.86 16.69
C ALA B 67 -1.04 10.46 16.11
N THR B 68 -0.33 10.39 14.99
CA THR B 68 -0.07 9.13 14.32
C THR B 68 0.72 8.22 15.27
N ASP B 69 1.74 8.80 15.88
CA ASP B 69 2.60 8.09 16.81
C ASP B 69 1.85 7.56 18.02
N ALA B 70 1.01 8.40 18.61
CA ALA B 70 0.23 8.00 19.79
C ALA B 70 -0.69 6.82 19.50
N VAL B 71 -1.40 6.90 18.37
CA VAL B 71 -2.31 5.84 17.98
C VAL B 71 -1.58 4.53 17.67
N VAL B 72 -0.46 4.63 16.95
CA VAL B 72 0.31 3.44 16.61
C VAL B 72 0.89 2.77 17.86
N THR B 73 1.52 3.57 18.71
CA THR B 73 2.12 3.05 19.94
C THR B 73 1.09 2.32 20.79
N ALA B 74 -0.08 2.94 20.93
CA ALA B 74 -1.13 2.36 21.75
C ALA B 74 -1.65 1.05 21.18
N ALA B 75 -1.85 1.00 19.86
CA ALA B 75 -2.35 -0.19 19.20
C ALA B 75 -1.35 -1.34 19.24
N VAL B 76 -0.09 -1.03 18.98
CA VAL B 76 0.93 -2.06 18.98
C VAL B 76 1.32 -2.58 20.36
N THR B 77 1.42 -1.70 21.35
CA THR B 77 1.80 -2.13 22.69
C THR B 77 0.64 -2.46 23.62
N ALA B 78 -0.58 -2.13 23.20
CA ALA B 78 -1.75 -2.41 24.04
C ALA B 78 -2.79 -3.24 23.31
N ALA B 83 6.76 -10.89 25.52
CA ALA B 83 8.13 -11.40 25.20
C ALA B 83 8.19 -12.91 25.48
N ALA B 84 7.01 -13.51 25.67
CA ALA B 84 6.90 -14.93 25.96
C ALA B 84 6.44 -15.73 24.72
N ASP B 85 6.19 -15.03 23.63
CA ASP B 85 5.74 -15.66 22.38
C ASP B 85 6.83 -15.69 21.30
N SER B 86 6.59 -16.45 20.23
CA SER B 86 7.59 -16.55 19.19
C SER B 86 7.76 -15.25 18.42
N PRO B 87 8.89 -15.12 17.71
CA PRO B 87 9.17 -13.92 16.93
C PRO B 87 8.05 -13.72 15.90
N GLN B 88 7.57 -14.83 15.36
CA GLN B 88 6.52 -14.78 14.36
C GLN B 88 5.21 -14.22 14.93
N ASP B 89 4.87 -14.64 16.15
CA ASP B 89 3.66 -14.15 16.81
C ASP B 89 3.81 -12.67 17.16
N ALA B 90 5.00 -12.29 17.61
CA ALA B 90 5.28 -10.90 17.94
C ALA B 90 5.10 -10.02 16.71
N VAL B 91 5.55 -10.50 15.55
CA VAL B 91 5.40 -9.74 14.32
C VAL B 91 3.91 -9.59 14.02
N ARG B 92 3.15 -10.65 14.25
CA ARG B 92 1.70 -10.64 14.01
C ARG B 92 0.98 -9.65 14.91
N ALA B 93 1.44 -9.54 16.15
CA ALA B 93 0.85 -8.59 17.10
C ALA B 93 1.14 -7.16 16.61
N VAL B 94 2.33 -6.96 16.07
CA VAL B 94 2.71 -5.64 15.57
C VAL B 94 1.84 -5.30 14.38
N ALA B 95 1.68 -6.26 13.48
CA ALA B 95 0.89 -6.07 12.27
C ALA B 95 -0.60 -5.85 12.55
N LEU B 96 -1.16 -6.63 13.48
CA LEU B 96 -2.57 -6.51 13.84
C LEU B 96 -2.78 -5.16 14.52
N GLY B 97 -1.80 -4.77 15.33
CA GLY B 97 -1.88 -3.48 16.01
C GLY B 97 -2.04 -2.39 14.95
N LEU B 98 -1.23 -2.47 13.90
CA LEU B 98 -1.29 -1.50 12.82
C LEU B 98 -2.58 -1.64 12.03
N TRP B 99 -2.95 -2.89 11.74
CA TRP B 99 -4.17 -3.18 11.01
C TRP B 99 -5.41 -2.65 11.76
N ASP B 100 -5.51 -2.93 13.04
CA ASP B 100 -6.66 -2.46 13.82
C ASP B 100 -6.66 -0.94 13.99
N ALA B 101 -5.47 -0.36 14.17
CA ALA B 101 -5.37 1.08 14.32
C ALA B 101 -5.82 1.84 13.08
N THR B 102 -5.41 1.38 11.91
CA THR B 102 -5.80 2.05 10.66
C THR B 102 -7.27 1.79 10.35
N GLU B 103 -7.86 0.86 11.09
CA GLU B 103 -9.25 0.49 10.93
C GLU B 103 -10.09 1.43 11.82
N ALA B 104 -9.57 1.70 13.01
CA ALA B 104 -10.24 2.60 13.95
C ALA B 104 -10.05 4.07 13.55
N HIS B 105 -8.93 4.36 12.88
CA HIS B 105 -8.61 5.72 12.46
C HIS B 105 -8.24 5.74 10.99
N PRO B 106 -9.24 5.91 10.11
CA PRO B 106 -9.04 5.95 8.66
C PRO B 106 -7.90 6.84 8.18
N TRP B 107 -7.78 8.02 8.77
CA TRP B 107 -6.73 8.97 8.41
C TRP B 107 -5.32 8.41 8.65
N LEU B 108 -5.19 7.43 9.55
CA LEU B 108 -3.90 6.86 9.88
C LEU B 108 -3.08 6.36 8.70
N ALA B 109 -3.73 5.63 7.79
CA ALA B 109 -3.03 5.08 6.62
C ALA B 109 -2.32 6.14 5.80
N THR B 110 -3.00 7.26 5.57
CA THR B 110 -2.44 8.36 4.78
C THR B 110 -1.24 9.00 5.46
N GLN B 111 -1.35 9.18 6.77
CA GLN B 111 -0.27 9.76 7.54
C GLN B 111 0.98 8.89 7.58
N LEU B 112 0.80 7.57 7.54
CA LEU B 112 1.94 6.66 7.55
C LEU B 112 2.72 6.73 6.23
N ALA B 113 1.99 6.91 5.13
CA ALA B 113 2.62 7.02 3.82
C ALA B 113 3.44 8.31 3.77
N THR B 114 2.87 9.38 4.32
CA THR B 114 3.52 10.68 4.37
C THR B 114 4.70 10.63 5.34
N GLN B 115 4.53 9.84 6.38
CA GLN B 115 5.54 9.67 7.41
C GLN B 115 6.80 9.01 6.84
N LEU B 116 6.60 8.04 5.94
CA LEU B 116 7.71 7.31 5.34
C LEU B 116 8.21 7.89 4.02
N SER B 117 7.56 8.96 3.56
CA SER B 117 7.93 9.59 2.30
C SER B 117 8.55 10.96 2.43
N ARG B 118 8.06 11.76 3.38
CA ARG B 118 8.58 13.12 3.55
C ARG B 118 8.96 13.49 4.98
N THR B 119 8.93 12.53 5.90
CA THR B 119 9.26 12.84 7.30
C THR B 119 10.48 12.07 7.79
N PRO B 120 11.69 12.48 7.33
CA PRO B 120 12.96 11.87 7.70
C PRO B 120 13.18 11.74 9.21
N TRP B 121 12.73 12.75 9.94
CA TRP B 121 12.89 12.75 11.39
C TRP B 121 11.68 12.20 12.14
N GLY B 122 10.74 11.60 11.39
CA GLY B 122 9.56 11.04 12.01
C GLY B 122 9.90 9.98 13.06
N THR B 123 9.09 9.90 14.11
CA THR B 123 9.32 8.96 15.18
C THR B 123 8.56 7.62 15.03
N VAL B 124 7.54 7.59 14.19
CA VAL B 124 6.75 6.38 14.02
C VAL B 124 7.48 5.29 13.26
N ALA B 125 8.09 5.68 12.15
CA ALA B 125 8.83 4.74 11.30
C ALA B 125 9.88 3.92 12.07
N PRO B 126 10.87 4.59 12.69
CA PRO B 126 11.90 3.86 13.43
C PRO B 126 11.36 2.95 14.53
N ARG B 127 10.26 3.34 15.17
CA ARG B 127 9.68 2.51 16.23
C ARG B 127 9.05 1.24 15.66
N ILE B 128 8.41 1.36 14.50
CA ILE B 128 7.81 0.20 13.84
C ILE B 128 8.95 -0.68 13.36
N PHE B 129 9.96 -0.05 12.79
CA PHE B 129 11.13 -0.74 12.27
C PHE B 129 11.87 -1.46 13.40
N GLU B 130 11.95 -0.85 14.58
CA GLU B 130 12.61 -1.50 15.71
C GLU B 130 11.84 -2.74 16.10
N SER B 131 10.51 -2.58 16.20
CA SER B 131 9.61 -3.67 16.58
C SER B 131 9.76 -4.88 15.69
N LEU B 132 9.75 -4.65 14.39
CA LEU B 132 9.87 -5.72 13.43
C LEU B 132 11.28 -6.31 13.37
N GLY B 133 12.27 -5.43 13.33
CA GLY B 133 13.67 -5.85 13.26
C GLY B 133 14.14 -6.80 14.35
N ARG B 134 13.80 -6.50 15.60
CA ARG B 134 14.22 -7.36 16.70
C ARG B 134 13.73 -8.79 16.51
N GLN B 135 12.55 -8.93 15.90
CA GLN B 135 12.00 -10.27 15.67
C GLN B 135 12.74 -10.93 14.52
N VAL B 136 13.10 -10.14 13.51
CA VAL B 136 13.83 -10.67 12.38
C VAL B 136 15.18 -11.22 12.85
N GLN B 137 15.86 -10.50 13.73
CA GLN B 137 17.13 -11.00 14.25
C GLN B 137 16.89 -12.24 15.10
N ALA B 138 15.83 -12.23 15.90
CA ALA B 138 15.51 -13.37 16.73
C ALA B 138 15.18 -14.59 15.86
N GLY B 140 16.91 -15.50 13.34
CA GLY B 140 18.15 -16.02 12.83
C GLY B 140 18.50 -15.54 11.44
N VAL B 141 17.94 -14.41 11.03
CA VAL B 141 18.23 -13.88 9.70
C VAL B 141 19.61 -13.21 9.65
N PRO B 142 20.43 -13.56 8.66
CA PRO B 142 21.77 -12.97 8.51
C PRO B 142 21.68 -11.46 8.52
N GLU B 143 22.65 -10.81 9.16
CA GLU B 143 22.62 -9.35 9.25
C GLU B 143 22.50 -8.63 7.92
N ALA B 144 22.98 -9.26 6.86
CA ALA B 144 22.90 -8.63 5.55
C ALA B 144 21.47 -8.51 5.04
N HIS B 145 20.53 -9.18 5.70
CA HIS B 145 19.15 -9.13 5.27
C HIS B 145 18.19 -8.51 6.28
N TRP B 146 18.72 -8.03 7.40
CA TRP B 146 17.87 -7.43 8.43
C TRP B 146 16.99 -6.30 7.91
N PHE B 147 17.57 -5.42 7.10
CA PHE B 147 16.85 -4.28 6.56
C PHE B 147 15.83 -4.74 5.53
N THR B 148 16.26 -5.64 4.67
CA THR B 148 15.41 -6.17 3.61
C THR B 148 14.19 -6.89 4.15
N ALA B 149 14.41 -7.79 5.08
CA ALA B 149 13.32 -8.54 5.69
C ALA B 149 12.37 -7.60 6.44
N SER B 150 12.91 -6.63 7.17
CA SER B 150 12.08 -5.71 7.94
C SER B 150 11.25 -4.80 7.05
N SER B 151 11.87 -4.30 5.99
CA SER B 151 11.19 -3.43 5.05
C SER B 151 10.08 -4.15 4.30
N ALA B 152 10.30 -5.43 4.01
CA ALA B 152 9.31 -6.23 3.30
C ALA B 152 8.06 -6.38 4.17
N LEU B 153 8.28 -6.67 5.44
CA LEU B 153 7.17 -6.83 6.37
C LEU B 153 6.40 -5.53 6.42
N HIS B 155 6.33 -2.93 4.19
CA HIS B 155 5.64 -2.65 2.95
C HIS B 155 4.41 -3.53 2.81
N TYR B 156 4.52 -4.79 3.21
CA TYR B 156 3.38 -5.68 3.13
C TYR B 156 2.24 -5.13 4.00
N ILE B 157 2.57 -4.78 5.25
CA ILE B 157 1.57 -4.25 6.20
C ILE B 157 0.85 -3.01 5.64
N LEU B 158 1.62 -2.04 5.16
CA LEU B 158 1.06 -0.81 4.62
C LEU B 158 0.15 -1.07 3.42
N GLY B 159 0.50 -2.04 2.60
CA GLY B 159 -0.30 -2.33 1.44
C GLY B 159 -1.64 -2.97 1.77
N ALA B 160 -1.63 -3.95 2.68
CA ALA B 160 -2.87 -4.62 3.05
C ALA B 160 -3.69 -3.71 3.94
N ALA B 161 -3.05 -3.14 4.96
CA ALA B 161 -3.76 -2.25 5.86
C ALA B 161 -4.23 -1.00 5.13
N GLY B 162 -3.43 -0.55 4.16
CA GLY B 162 -3.79 0.62 3.38
C GLY B 162 -5.06 0.37 2.60
N GLN B 163 -5.14 -0.80 1.96
CA GLN B 163 -6.33 -1.14 1.20
C GLN B 163 -7.53 -1.36 2.10
N ASN B 164 -7.29 -1.93 3.27
CA ASN B 164 -8.36 -2.17 4.23
C ASN B 164 -8.97 -0.84 4.66
N ALA B 165 -8.11 0.15 4.88
CA ALA B 165 -8.56 1.48 5.28
C ALA B 165 -9.37 2.08 4.15
N ALA B 166 -8.92 1.88 2.91
CA ALA B 166 -9.64 2.40 1.74
C ALA B 166 -11.06 1.80 1.69
N ASN B 167 -11.17 0.54 2.09
CA ASN B 167 -12.45 -0.17 2.09
C ASN B 167 -13.33 0.31 3.25
N SER B 168 -12.70 0.66 4.38
CA SER B 168 -13.41 1.14 5.55
C SER B 168 -13.79 2.61 5.39
N ALA B 169 -13.54 3.16 4.21
CA ALA B 169 -13.85 4.56 3.92
C ALA B 169 -15.26 4.68 3.33
N ASP B 179 -21.43 -4.23 3.97
CA ASP B 179 -21.02 -3.43 2.78
C ASP B 179 -19.82 -4.10 2.08
N ARG B 180 -18.89 -4.61 2.89
CA ARG B 180 -17.73 -5.27 2.33
C ARG B 180 -18.21 -6.59 1.76
N ASP B 181 -19.15 -7.23 2.46
CA ASP B 181 -19.69 -8.51 2.01
C ASP B 181 -20.51 -8.33 0.74
N GLU B 182 -21.07 -7.14 0.57
CA GLU B 182 -21.87 -6.82 -0.60
C GLU B 182 -20.95 -6.45 -1.76
N PHE B 183 -19.86 -5.77 -1.46
CA PHE B 183 -18.89 -5.38 -2.47
C PHE B 183 -18.22 -6.65 -3.00
N LEU B 184 -17.89 -7.57 -2.09
CA LEU B 184 -17.26 -8.82 -2.50
C LEU B 184 -18.21 -9.70 -3.29
N ASP B 185 -19.50 -9.61 -2.99
CA ASP B 185 -20.46 -10.42 -3.71
C ASP B 185 -20.67 -9.88 -5.11
N THR B 186 -20.54 -8.57 -5.27
CA THR B 186 -20.71 -7.97 -6.58
C THR B 186 -19.44 -8.25 -7.42
N VAL B 187 -18.28 -8.29 -6.77
CA VAL B 187 -17.04 -8.60 -7.49
C VAL B 187 -17.09 -10.06 -7.95
N SER B 188 -17.49 -10.95 -7.05
CA SER B 188 -17.58 -12.37 -7.38
C SER B 188 -18.49 -12.56 -8.59
N THR B 189 -19.63 -11.87 -8.58
CA THR B 189 -20.59 -11.93 -9.66
C THR B 189 -19.99 -11.43 -10.97
N ALA B 190 -19.37 -10.26 -10.93
CA ALA B 190 -18.73 -9.67 -12.11
C ALA B 190 -17.65 -10.57 -12.71
N TRP B 191 -16.90 -11.25 -11.85
CA TRP B 191 -15.83 -12.14 -12.32
C TRP B 191 -16.40 -13.43 -12.87
N GLU B 192 -17.53 -13.89 -12.32
CA GLU B 192 -18.15 -15.11 -12.84
C GLU B 192 -18.70 -14.85 -14.24
N GLY B 193 -18.76 -13.59 -14.62
CA GLY B 193 -19.24 -13.23 -15.94
C GLY B 193 -18.13 -13.08 -16.97
N LEU B 194 -16.89 -13.36 -16.57
CA LEU B 194 -15.76 -13.24 -17.47
C LEU B 194 -15.63 -14.49 -18.34
N ASP B 195 -15.11 -14.31 -19.56
CA ASP B 195 -14.95 -15.44 -20.46
C ASP B 195 -14.04 -16.51 -19.84
N PRO B 196 -14.57 -17.75 -19.70
CA PRO B 196 -13.85 -18.90 -19.12
C PRO B 196 -12.57 -19.31 -19.84
N ASP B 197 -12.49 -19.04 -21.14
CA ASP B 197 -11.28 -19.40 -21.87
C ASP B 197 -10.19 -18.33 -21.76
N ALA B 198 -10.62 -17.08 -21.61
CA ALA B 198 -9.67 -15.98 -21.49
C ALA B 198 -9.19 -15.82 -20.06
N TYR B 199 -10.07 -16.10 -19.10
CA TYR B 199 -9.74 -15.98 -17.69
C TYR B 199 -9.97 -17.29 -16.94
N PRO B 200 -9.16 -18.32 -17.24
CA PRO B 200 -9.33 -19.60 -16.55
C PRO B 200 -9.03 -19.52 -15.03
N PHE B 201 -8.03 -18.72 -14.65
CA PHE B 201 -7.72 -18.59 -13.23
C PHE B 201 -8.79 -17.78 -12.48
N THR B 202 -9.05 -16.58 -12.97
CA THR B 202 -10.01 -15.69 -12.34
C THR B 202 -11.41 -16.30 -12.24
N ARG B 203 -11.77 -17.11 -13.24
CA ARG B 203 -13.08 -17.76 -13.21
C ARG B 203 -13.06 -18.84 -12.16
N ALA B 204 -11.95 -19.55 -12.10
CA ALA B 204 -11.79 -20.62 -11.11
C ALA B 204 -11.86 -20.08 -9.68
N VAL B 205 -11.34 -18.87 -9.44
CA VAL B 205 -11.38 -18.32 -8.08
C VAL B 205 -12.57 -17.41 -7.76
N ALA B 206 -13.23 -16.88 -8.79
CA ALA B 206 -14.38 -15.99 -8.62
C ALA B 206 -15.27 -16.36 -7.45
N ASP B 207 -15.52 -17.64 -7.29
CA ASP B 207 -16.37 -18.13 -6.21
C ASP B 207 -15.77 -17.80 -4.85
N GLN B 208 -14.45 -17.97 -4.73
CA GLN B 208 -13.72 -17.72 -3.49
C GLN B 208 -13.76 -16.27 -3.00
N VAL B 209 -14.08 -15.34 -3.90
CA VAL B 209 -14.13 -13.93 -3.53
C VAL B 209 -15.31 -13.63 -2.61
N ARG B 210 -16.41 -14.33 -2.85
CA ARG B 210 -17.66 -14.17 -2.10
C ARG B 210 -17.53 -14.06 -0.58
N GLY B 211 -17.07 -15.12 0.08
CA GLY B 211 -16.94 -15.05 1.53
C GLY B 211 -15.51 -14.82 1.98
N HIS B 212 -14.82 -13.93 1.29
CA HIS B 212 -13.44 -13.62 1.61
C HIS B 212 -13.34 -12.66 2.80
N ASP B 213 -12.56 -13.04 3.81
CA ASP B 213 -12.37 -12.21 4.99
C ASP B 213 -11.02 -11.53 4.89
N ASP B 214 -11.06 -10.20 4.93
CA ASP B 214 -9.85 -9.41 4.83
C ASP B 214 -8.83 -9.64 5.94
N ARG B 215 -9.28 -9.71 7.19
CA ARG B 215 -8.38 -9.93 8.32
C ARG B 215 -7.60 -11.24 8.19
N GLU B 216 -8.29 -12.32 7.83
CA GLU B 216 -7.68 -13.64 7.66
C GLU B 216 -6.65 -13.60 6.50
N GLN B 217 -7.01 -12.90 5.42
CA GLN B 217 -6.14 -12.75 4.26
C GLN B 217 -4.88 -12.03 4.69
N PHE B 218 -5.06 -11.02 5.54
CA PHE B 218 -3.96 -10.22 6.05
C PHE B 218 -2.95 -11.10 6.80
N LEU B 219 -3.46 -11.92 7.72
CA LEU B 219 -2.62 -12.80 8.51
C LEU B 219 -2.00 -13.92 7.70
N ALA B 220 -2.68 -14.35 6.65
CA ALA B 220 -2.14 -15.41 5.77
C ALA B 220 -0.96 -14.78 5.02
N GLY B 221 -1.14 -13.54 4.58
CA GLY B 221 -0.09 -12.83 3.86
C GLY B 221 1.13 -12.67 4.75
N ILE B 222 0.89 -12.36 6.02
CA ILE B 222 1.97 -12.18 6.97
C ILE B 222 2.75 -13.48 7.12
N THR B 223 2.00 -14.57 7.26
CA THR B 223 2.63 -15.87 7.39
C THR B 223 3.46 -16.21 6.13
N LEU B 224 2.94 -15.88 4.96
CA LEU B 224 3.66 -16.12 3.72
C LEU B 224 5.00 -15.37 3.72
N VAL B 225 4.98 -14.11 4.16
CA VAL B 225 6.19 -13.30 4.22
C VAL B 225 7.16 -13.89 5.25
N LEU B 226 6.64 -14.22 6.43
CA LEU B 226 7.48 -14.81 7.48
C LEU B 226 8.12 -16.11 7.02
N THR B 227 7.39 -16.90 6.24
CA THR B 227 7.93 -18.17 5.73
C THR B 227 9.12 -17.89 4.82
N GLY B 228 9.00 -16.85 3.98
CA GLY B 228 10.10 -16.48 3.10
C GLY B 228 11.30 -15.99 3.92
N ILE B 229 11.02 -15.22 4.95
CA ILE B 229 12.09 -14.71 5.79
C ILE B 229 12.79 -15.82 6.55
N THR B 230 12.03 -16.80 7.02
CA THR B 230 12.60 -17.92 7.76
C THR B 230 13.52 -18.76 6.90
N ALA B 231 13.27 -18.77 5.60
CA ALA B 231 14.09 -19.54 4.66
C ALA B 231 15.45 -18.90 4.43
N LEU B 232 15.61 -17.65 4.84
CA LEU B 232 16.87 -16.93 4.68
C LEU B 232 17.87 -17.40 5.74
N HIS B 233 17.39 -18.13 6.75
CA HIS B 233 18.22 -18.62 7.84
C HIS B 233 19.49 -19.32 7.39
N ARG B 234 20.62 -18.64 7.62
CA ARG B 234 21.97 -19.10 7.29
C ARG B 234 22.09 -19.71 5.89
#